data_4GW8
#
_entry.id   4GW8
#
_cell.length_a   98.006
_cell.length_b   98.006
_cell.length_c   80.497
_cell.angle_alpha   90.000
_cell.angle_beta   90.000
_cell.angle_gamma   120.000
#
_symmetry.space_group_name_H-M   'P 65'
#
loop_
_entity.id
_entity.type
_entity.pdbx_description
1 polymer 'Serine/threonine-protein kinase pim-1'
2 polymer 'Consensus peptide (Pimtide)'
3 non-polymer 5-(1,3-benzodioxol-5-ylmethyl)-2-(phenylamino)-4H-imidazol-4-one
4 non-polymer 1,2-ETHANEDIOL
5 water water
#
loop_
_entity_poly.entity_id
_entity_poly.type
_entity_poly.pdbx_seq_one_letter_code
_entity_poly.pdbx_strand_id
1 'polypeptide(L)'
;SMLLSKINSLAHLRAAPCNDLHATKLAPGKEKEPLESQYQVGPLLGSGGFGSVYSGIRVSDNLPVAIKHVEKDRISDWGE
LPNGTRVPMEVVLLKKVSSGFSGVIRLLDWFERPDSFVLILERPEPVQDLFDFITERGALQEELARSFFWQVLEAVRHCH
NCGVLHRDIKDENILIDLNRGELKLIDFGSGALLKDTVYTDFDGTRVYSPPEWIRYHRYHGRSAAVWSLGILLYDMVCGD
IPFEHDEEIIGGQVFFRQRVSSECQHLIRWCLALRPSDRPTFEEIQNHPWMQDVLLPQETAEIHLHSLSPGPS
;
A
2 'polypeptide(L)' ARKRRRHPSGPPTA B
#
loop_
_chem_comp.id
_chem_comp.type
_chem_comp.name
_chem_comp.formula
3RA non-polymer 5-(1,3-benzodioxol-5-ylmethyl)-2-(phenylamino)-4H-imidazol-4-one 'C17 H13 N3 O3'
EDO non-polymer 1,2-ETHANEDIOL 'C2 H6 O2'
#
# COMPACT_ATOMS: atom_id res chain seq x y z
N PRO A 34 -24.44 17.90 -4.87
CA PRO A 34 -25.11 17.02 -3.91
C PRO A 34 -24.55 15.60 -3.96
N LEU A 35 -24.13 15.07 -2.80
CA LEU A 35 -23.49 13.74 -2.67
C LEU A 35 -24.47 12.56 -2.87
N GLU A 36 -25.64 12.66 -2.26
CA GLU A 36 -26.56 11.53 -2.19
C GLU A 36 -27.32 11.23 -3.50
N SER A 37 -27.45 12.23 -4.37
CA SER A 37 -28.14 12.03 -5.68
C SER A 37 -27.17 11.58 -6.78
N GLN A 38 -25.87 11.71 -6.52
CA GLN A 38 -24.83 11.41 -7.51
C GLN A 38 -24.39 9.97 -7.43
N TYR A 39 -24.44 9.38 -6.24
CA TYR A 39 -23.98 8.00 -6.04
C TYR A 39 -25.07 7.14 -5.44
N GLN A 40 -25.17 5.92 -5.94
CA GLN A 40 -26.01 4.90 -5.34
C GLN A 40 -25.12 4.08 -4.42
N VAL A 41 -25.45 4.00 -3.14
CA VAL A 41 -24.61 3.32 -2.16
C VAL A 41 -24.93 1.85 -2.12
N GLY A 42 -23.92 1.01 -1.98
CA GLY A 42 -24.10 -0.44 -1.95
C GLY A 42 -23.67 -0.96 -0.59
N PRO A 43 -23.29 -2.24 -0.50
CA PRO A 43 -22.84 -2.82 0.77
C PRO A 43 -21.50 -2.27 1.29
N LEU A 44 -21.30 -2.41 2.60
CA LEU A 44 -20.06 -2.11 3.26
C LEU A 44 -18.99 -3.10 2.79
N LEU A 45 -17.85 -2.55 2.33
CA LEU A 45 -16.72 -3.36 1.89
C LEU A 45 -15.82 -3.64 3.11
N GLY A 46 -15.75 -2.66 4.00
CA GLY A 46 -14.98 -2.83 5.25
C GLY A 46 -14.93 -1.55 6.05
N SER A 47 -14.44 -1.65 7.28
CA SER A 47 -14.22 -0.51 8.12
C SER A 47 -13.11 -0.81 9.09
N GLY A 48 -12.49 0.25 9.61
CA GLY A 48 -11.42 0.10 10.58
C GLY A 48 -10.74 1.43 10.76
N GLY A 49 -9.44 1.43 11.02
CA GLY A 49 -8.69 2.69 11.19
C GLY A 49 -8.81 3.64 10.00
N PHE A 50 -9.05 3.07 8.84
CA PHE A 50 -9.22 3.77 7.58
C PHE A 50 -10.66 4.31 7.33
N GLY A 51 -11.53 4.31 8.34
CA GLY A 51 -12.93 4.75 8.17
C GLY A 51 -13.89 3.61 7.84
N SER A 52 -14.97 3.93 7.13
CA SER A 52 -15.91 2.93 6.65
C SER A 52 -15.99 3.10 5.15
N VAL A 53 -15.83 1.99 4.41
CA VAL A 53 -15.78 2.04 2.96
C VAL A 53 -16.91 1.20 2.37
N TYR A 54 -17.67 1.79 1.45
CA TYR A 54 -18.82 1.12 0.82
C TYR A 54 -18.61 1.00 -0.67
N SER A 55 -19.25 0.00 -1.25
CA SER A 55 -19.35 -0.10 -2.69
C SER A 55 -20.42 0.83 -3.13
N GLY A 56 -20.23 1.40 -4.30
CA GLY A 56 -21.21 2.33 -4.84
C GLY A 56 -21.11 2.38 -6.34
N ILE A 57 -22.07 3.07 -6.94
CA ILE A 57 -22.05 3.27 -8.37
C ILE A 57 -22.42 4.72 -8.60
N ARG A 58 -21.67 5.39 -9.46
CA ARG A 58 -21.97 6.75 -9.83
C ARG A 58 -23.15 6.80 -10.80
N VAL A 59 -24.20 7.53 -10.42
CA VAL A 59 -25.47 7.54 -11.15
C VAL A 59 -25.35 8.06 -12.60
N SER A 60 -24.47 9.05 -12.82
CA SER A 60 -24.29 9.76 -14.10
C SER A 60 -23.93 8.82 -15.27
N ASP A 61 -23.15 7.79 -14.96
CA ASP A 61 -22.64 6.83 -15.97
C ASP A 61 -22.47 5.39 -15.42
N ASN A 62 -23.05 5.11 -14.26
CA ASN A 62 -22.90 3.81 -13.58
C ASN A 62 -21.46 3.31 -13.27
N LEU A 63 -20.47 4.20 -13.33
CA LEU A 63 -19.08 3.81 -13.02
C LEU A 63 -19.03 3.22 -11.62
N PRO A 64 -18.38 2.05 -11.45
CA PRO A 64 -18.22 1.53 -10.09
C PRO A 64 -17.29 2.42 -9.23
N VAL A 65 -17.66 2.63 -7.98
CA VAL A 65 -16.86 3.44 -7.06
C VAL A 65 -16.79 2.81 -5.65
N ALA A 66 -15.81 3.24 -4.87
CA ALA A 66 -15.76 2.94 -3.45
C ALA A 66 -16.00 4.27 -2.72
N ILE A 67 -16.75 4.23 -1.64
CA ILE A 67 -17.16 5.45 -0.96
C ILE A 67 -16.64 5.36 0.46
N LYS A 68 -15.66 6.21 0.80
CA LYS A 68 -15.01 6.14 2.09
C LYS A 68 -15.47 7.30 2.94
N HIS A 69 -15.89 6.97 4.17
CA HIS A 69 -16.32 7.93 5.16
C HIS A 69 -15.30 8.01 6.28
N VAL A 70 -14.89 9.22 6.62
CA VAL A 70 -13.95 9.40 7.71
C VAL A 70 -14.52 10.47 8.62
N GLU A 71 -14.61 10.18 9.92
CA GLU A 71 -15.16 11.12 10.91
C GLU A 71 -14.10 12.18 11.23
N LYS A 72 -14.53 13.43 11.33
CA LYS A 72 -13.61 14.53 11.48
C LYS A 72 -12.84 14.38 12.76
N ASP A 73 -13.48 13.90 13.82
CA ASP A 73 -12.81 13.70 15.10
C ASP A 73 -11.61 12.73 15.03
N ARG A 74 -11.51 11.94 13.97
CA ARG A 74 -10.44 10.95 13.84
C ARG A 74 -9.31 11.41 12.93
N ILE A 75 -9.51 12.50 12.20
CA ILE A 75 -8.48 13.03 11.34
C ILE A 75 -7.55 13.82 12.23
N SER A 76 -6.36 13.27 12.47
CA SER A 76 -5.31 13.95 13.25
C SER A 76 -4.45 14.82 12.35
N ASP A 77 -4.36 14.45 11.07
CA ASP A 77 -3.48 15.13 10.12
C ASP A 77 -4.26 15.83 9.01
N TRP A 78 -4.11 17.13 8.97
CA TRP A 78 -4.85 17.99 8.06
C TRP A 78 -3.90 18.66 7.09
N GLY A 79 -4.35 18.86 5.87
CA GLY A 79 -3.60 19.64 4.90
C GLY A 79 -4.45 20.79 4.42
N GLU A 80 -4.00 21.39 3.33
CA GLU A 80 -4.77 22.40 2.62
C GLU A 80 -4.52 22.19 1.13
N LEU A 81 -5.57 22.40 0.34
CA LEU A 81 -5.48 22.29 -1.10
C LEU A 81 -4.92 23.61 -1.60
N PRO A 82 -4.47 23.65 -2.87
CA PRO A 82 -4.26 24.96 -3.50
C PRO A 82 -5.50 25.86 -3.41
N ASN A 83 -6.69 25.24 -3.45
CA ASN A 83 -7.94 25.89 -3.06
C ASN A 83 -7.78 26.79 -1.83
N GLY A 84 -6.94 26.39 -0.88
CA GLY A 84 -6.92 26.97 0.45
C GLY A 84 -7.92 26.27 1.37
N THR A 85 -8.67 25.31 0.82
CA THR A 85 -9.65 24.56 1.58
C THR A 85 -8.88 23.61 2.51
N ARG A 86 -9.26 23.55 3.79
CA ARG A 86 -8.63 22.68 4.79
C ARG A 86 -9.24 21.29 4.77
N VAL A 87 -8.42 20.29 4.47
CA VAL A 87 -8.93 18.94 4.22
C VAL A 87 -8.07 17.94 4.97
N PRO A 88 -8.58 16.73 5.16
CA PRO A 88 -7.71 15.70 5.70
C PRO A 88 -6.48 15.52 4.81
N MET A 89 -5.31 15.32 5.41
CA MET A 89 -4.08 15.01 4.67
C MET A 89 -4.30 13.97 3.58
N GLU A 90 -5.12 12.99 3.88
CA GLU A 90 -5.38 11.95 2.91
C GLU A 90 -5.89 12.49 1.57
N VAL A 91 -6.72 13.53 1.62
CA VAL A 91 -7.24 14.16 0.39
C VAL A 91 -6.13 14.88 -0.40
N VAL A 92 -5.29 15.63 0.32
CA VAL A 92 -4.14 16.26 -0.30
C VAL A 92 -3.26 15.23 -0.99
N LEU A 93 -2.91 14.15 -0.29
CA LEU A 93 -2.01 13.12 -0.85
C LEU A 93 -2.61 12.47 -2.08
N LEU A 94 -3.86 12.05 -1.98
CA LEU A 94 -4.57 11.45 -3.11
C LEU A 94 -4.65 12.36 -4.31
N LYS A 95 -4.88 13.65 -4.09
CA LYS A 95 -4.95 14.54 -5.23
C LYS A 95 -3.59 14.63 -5.86
N LYS A 96 -2.52 14.55 -5.06
CA LYS A 96 -1.17 14.71 -5.66
C LYS A 96 -0.80 13.47 -6.48
N VAL A 97 -1.29 12.30 -6.07
CA VAL A 97 -0.97 11.07 -6.81
C VAL A 97 -2.03 10.67 -7.84
N SER A 98 -3.21 11.29 -7.77
CA SER A 98 -4.32 10.92 -8.64
C SER A 98 -4.32 11.50 -10.04
N SER A 99 -3.28 12.18 -10.44
CA SER A 99 -3.26 12.69 -11.80
C SER A 99 -2.69 11.63 -12.71
N GLY A 100 -3.30 11.47 -13.88
CA GLY A 100 -2.91 10.46 -14.84
C GLY A 100 -3.16 9.04 -14.37
N PHE A 101 -2.68 8.11 -15.17
CA PHE A 101 -2.81 6.69 -14.90
C PHE A 101 -1.69 6.21 -13.97
N SER A 102 -2.03 5.29 -13.09
CA SER A 102 -1.05 4.67 -12.22
C SER A 102 -1.60 3.44 -11.46
N GLY A 103 -0.71 2.89 -10.64
CA GLY A 103 -1.04 1.85 -9.70
C GLY A 103 -1.51 2.37 -8.37
N VAL A 104 -2.15 3.52 -8.37
CA VAL A 104 -2.82 4.04 -7.17
C VAL A 104 -4.31 4.14 -7.47
N ILE A 105 -5.14 3.66 -6.57
CA ILE A 105 -6.58 3.91 -6.63
C ILE A 105 -6.76 5.42 -6.51
N ARG A 106 -7.42 5.99 -7.51
CA ARG A 106 -7.56 7.44 -7.70
C ARG A 106 -8.80 8.02 -7.02
N LEU A 107 -8.64 9.24 -6.50
CA LEU A 107 -9.73 10.01 -5.92
C LEU A 107 -10.51 10.68 -7.01
N LEU A 108 -11.80 10.35 -7.12
CA LEU A 108 -12.62 10.87 -8.18
C LEU A 108 -13.27 12.18 -7.71
N ASP A 109 -13.61 12.24 -6.42
CA ASP A 109 -14.22 13.43 -5.86
C ASP A 109 -14.25 13.26 -4.36
N TRP A 110 -14.60 14.34 -3.66
CA TRP A 110 -14.77 14.30 -2.23
C TRP A 110 -15.73 15.37 -1.79
N PHE A 111 -16.25 15.17 -0.56
CA PHE A 111 -17.25 16.04 0.03
C PHE A 111 -17.01 16.19 1.51
N GLU A 112 -17.37 17.33 2.05
CA GLU A 112 -17.30 17.53 3.47
C GLU A 112 -18.72 17.51 4.04
N ARG A 113 -18.89 16.83 5.17
CA ARG A 113 -20.16 16.84 5.89
C ARG A 113 -19.93 17.49 7.24
N PRO A 114 -20.99 17.71 8.02
CA PRO A 114 -20.77 18.38 9.29
C PRO A 114 -19.78 17.65 10.19
N ASP A 115 -19.83 16.32 10.25
CA ASP A 115 -18.93 15.61 11.17
C ASP A 115 -17.96 14.67 10.47
N SER A 116 -17.97 14.65 9.13
CA SER A 116 -17.15 13.72 8.35
C SER A 116 -16.74 14.25 6.98
N PHE A 117 -15.76 13.59 6.37
CA PHE A 117 -15.46 13.74 4.95
C PHE A 117 -15.81 12.46 4.22
N VAL A 118 -16.27 12.61 2.99
CA VAL A 118 -16.58 11.47 2.16
C VAL A 118 -15.68 11.53 0.91
N LEU A 119 -15.00 10.44 0.63
CA LEU A 119 -14.09 10.33 -0.52
C LEU A 119 -14.65 9.32 -1.51
N ILE A 120 -14.75 9.73 -2.77
CA ILE A 120 -15.18 8.86 -3.86
C ILE A 120 -13.92 8.38 -4.58
N LEU A 121 -13.67 7.08 -4.50
CA LEU A 121 -12.50 6.40 -5.02
C LEU A 121 -12.88 5.44 -6.13
N GLU A 122 -11.93 5.16 -7.04
CA GLU A 122 -12.09 4.14 -8.05
C GLU A 122 -12.39 2.79 -7.42
N ARG A 123 -13.15 1.94 -8.13
CA ARG A 123 -13.40 0.55 -7.71
C ARG A 123 -13.25 -0.39 -8.92
N PRO A 124 -12.09 -0.99 -9.06
CA PRO A 124 -11.92 -2.08 -10.02
C PRO A 124 -12.82 -3.22 -9.66
N GLU A 125 -13.20 -3.96 -10.68
CA GLU A 125 -14.15 -5.05 -10.59
C GLU A 125 -13.69 -6.10 -11.62
N PRO A 126 -13.45 -7.36 -11.24
CA PRO A 126 -13.42 -7.97 -9.93
C PRO A 126 -12.11 -7.72 -9.26
N VAL A 127 -12.13 -7.60 -7.95
CA VAL A 127 -10.96 -7.23 -7.22
C VAL A 127 -10.77 -8.21 -6.01
N GLN A 128 -9.53 -8.46 -5.62
CA GLN A 128 -9.23 -9.07 -4.30
C GLN A 128 -8.00 -8.39 -3.79
N ASP A 129 -8.00 -8.11 -2.48
CA ASP A 129 -6.84 -7.51 -1.85
C ASP A 129 -5.73 -8.56 -1.70
N LEU A 130 -4.49 -8.11 -1.57
CA LEU A 130 -3.40 -9.01 -1.68
C LEU A 130 -3.29 -9.82 -0.40
N PHE A 131 -3.80 -9.30 0.70
CA PHE A 131 -3.77 -10.06 1.96
C PHE A 131 -4.63 -11.33 1.77
N ASP A 132 -5.84 -11.16 1.28
CA ASP A 132 -6.76 -12.31 1.10
C ASP A 132 -6.25 -13.24 0.02
N PHE A 133 -5.63 -12.69 -1.01
CA PHE A 133 -5.08 -13.47 -2.12
C PHE A 133 -4.01 -14.42 -1.61
N ILE A 134 -3.09 -13.89 -0.82
CA ILE A 134 -2.00 -14.74 -0.25
C ILE A 134 -2.55 -15.73 0.80
N THR A 135 -3.58 -15.35 1.54
CA THR A 135 -4.21 -16.31 2.48
C THR A 135 -4.81 -17.50 1.79
N GLU A 136 -5.52 -17.24 0.71
CA GLU A 136 -6.17 -18.27 -0.05
C GLU A 136 -5.18 -19.07 -0.87
N ARG A 137 -4.19 -18.43 -1.48
CA ARG A 137 -3.34 -19.17 -2.41
C ARG A 137 -2.05 -19.69 -1.81
N GLY A 138 -1.73 -19.24 -0.59
CA GLY A 138 -0.44 -19.54 0.03
C GLY A 138 0.69 -18.76 -0.63
N ALA A 139 1.93 -19.18 -0.37
CA ALA A 139 3.16 -18.53 -0.88
C ALA A 139 3.08 -18.50 -2.41
N LEU A 140 3.44 -17.37 -2.99
CA LEU A 140 3.28 -17.14 -4.43
C LEU A 140 4.49 -17.66 -5.18
N GLN A 141 4.25 -18.26 -6.35
CA GLN A 141 5.35 -18.60 -7.26
C GLN A 141 6.17 -17.33 -7.52
N GLU A 142 7.48 -17.49 -7.69
CA GLU A 142 8.34 -16.31 -7.77
C GLU A 142 8.02 -15.43 -8.99
N GLU A 143 7.57 -16.06 -10.09
CA GLU A 143 7.18 -15.30 -11.25
C GLU A 143 6.00 -14.37 -10.94
N LEU A 144 5.04 -14.86 -10.16
CA LEU A 144 3.92 -14.04 -9.75
C LEU A 144 4.37 -12.95 -8.74
N ALA A 145 5.17 -13.31 -7.76
CA ALA A 145 5.65 -12.34 -6.78
C ALA A 145 6.46 -11.23 -7.47
N ARG A 146 7.28 -11.61 -8.45
CA ARG A 146 8.10 -10.64 -9.24
C ARG A 146 7.20 -9.61 -9.94
N SER A 147 6.15 -10.10 -10.58
CA SER A 147 5.22 -9.22 -11.33
C SER A 147 4.54 -8.28 -10.38
N PHE A 148 3.96 -8.83 -9.31
CA PHE A 148 3.33 -8.01 -8.27
C PHE A 148 4.28 -6.97 -7.60
N PHE A 149 5.42 -7.45 -7.14
CA PHE A 149 6.42 -6.64 -6.49
C PHE A 149 6.91 -5.52 -7.42
N TRP A 150 7.14 -5.86 -8.68
CA TRP A 150 7.49 -4.86 -9.69
C TRP A 150 6.44 -3.76 -9.79
N GLN A 151 5.17 -4.15 -9.89
CA GLN A 151 4.08 -3.15 -9.99
C GLN A 151 3.97 -2.29 -8.72
N VAL A 152 4.24 -2.88 -7.55
CA VAL A 152 4.23 -2.13 -6.32
C VAL A 152 5.37 -1.11 -6.35
N LEU A 153 6.54 -1.55 -6.82
CA LEU A 153 7.67 -0.64 -6.93
C LEU A 153 7.35 0.55 -7.84
N GLU A 154 6.73 0.29 -8.98
CA GLU A 154 6.35 1.38 -9.89
C GLU A 154 5.35 2.33 -9.26
N ALA A 155 4.39 1.79 -8.51
CA ALA A 155 3.40 2.61 -7.80
C ALA A 155 4.02 3.50 -6.71
N VAL A 156 4.88 2.91 -5.92
CA VAL A 156 5.57 3.64 -4.88
C VAL A 156 6.48 4.70 -5.51
N ARG A 157 7.17 4.37 -6.60
CA ARG A 157 7.98 5.41 -7.32
C ARG A 157 7.08 6.56 -7.73
N HIS A 158 5.90 6.22 -8.22
CA HIS A 158 5.01 7.24 -8.70
C HIS A 158 4.63 8.15 -7.53
N CYS A 159 4.32 7.55 -6.41
CA CYS A 159 3.93 8.38 -5.26
C CYS A 159 5.08 9.32 -4.89
N HIS A 160 6.28 8.78 -4.82
CA HIS A 160 7.45 9.58 -4.48
C HIS A 160 7.73 10.66 -5.53
N ASN A 161 7.65 10.33 -6.81
CA ASN A 161 7.74 11.35 -7.91
C ASN A 161 6.77 12.50 -7.61
N CYS A 162 5.58 12.15 -7.09
CA CYS A 162 4.51 13.10 -6.79
C CYS A 162 4.64 13.81 -5.43
N GLY A 163 5.68 13.51 -4.67
CA GLY A 163 5.91 14.19 -3.38
C GLY A 163 5.14 13.54 -2.25
N VAL A 164 4.78 12.28 -2.47
CA VAL A 164 3.94 11.56 -1.53
C VAL A 164 4.56 10.30 -0.98
N LEU A 165 4.56 10.21 0.34
CA LEU A 165 4.99 9.00 1.06
C LEU A 165 3.74 8.27 1.66
N HIS A 166 3.54 7.02 1.32
CA HIS A 166 2.32 6.30 1.74
C HIS A 166 2.34 5.90 3.22
N ARG A 167 3.48 5.34 3.64
CA ARG A 167 3.78 5.05 5.05
C ARG A 167 3.02 3.85 5.62
N ASP A 168 2.35 3.11 4.75
CA ASP A 168 1.65 1.89 5.22
C ASP A 168 1.56 0.82 4.13
N ILE A 169 2.65 0.65 3.40
CA ILE A 169 2.70 -0.32 2.32
C ILE A 169 2.58 -1.70 2.96
N LYS A 170 1.55 -2.46 2.58
CA LYS A 170 1.37 -3.83 3.08
C LYS A 170 0.39 -4.55 2.17
N ASP A 171 0.33 -5.89 2.25
CA ASP A 171 -0.56 -6.64 1.35
C ASP A 171 -2.04 -6.14 1.47
N GLU A 172 -2.47 -5.82 2.69
CA GLU A 172 -3.83 -5.38 2.94
C GLU A 172 -4.16 -4.10 2.19
N ASN A 173 -3.15 -3.33 1.84
CA ASN A 173 -3.37 -2.03 1.19
C ASN A 173 -3.06 -2.06 -0.29
N ILE A 174 -3.06 -3.27 -0.86
CA ILE A 174 -2.90 -3.46 -2.30
C ILE A 174 -4.04 -4.30 -2.83
N LEU A 175 -4.69 -3.77 -3.88
CA LEU A 175 -5.82 -4.43 -4.52
C LEU A 175 -5.31 -5.00 -5.81
N ILE A 176 -5.75 -6.21 -6.12
CA ILE A 176 -5.44 -6.85 -7.41
C ILE A 176 -6.71 -6.78 -8.28
N ASP A 177 -6.57 -6.19 -9.46
CA ASP A 177 -7.62 -6.26 -10.48
C ASP A 177 -7.39 -7.60 -11.14
N LEU A 178 -8.30 -8.54 -10.91
CA LEU A 178 -8.04 -9.92 -11.24
C LEU A 178 -8.11 -10.18 -12.76
N ASN A 179 -8.89 -9.39 -13.50
CA ASN A 179 -8.94 -9.45 -14.96
C ASN A 179 -7.81 -8.74 -15.71
N ARG A 180 -7.40 -7.55 -15.26
CA ARG A 180 -6.32 -6.81 -15.93
C ARG A 180 -4.91 -7.17 -15.42
N GLY A 181 -4.86 -7.84 -14.25
CA GLY A 181 -3.60 -8.25 -13.67
C GLY A 181 -2.80 -7.03 -13.20
N GLU A 182 -3.51 -6.00 -12.77
CA GLU A 182 -2.93 -4.72 -12.31
C GLU A 182 -3.14 -4.54 -10.82
N LEU A 183 -2.07 -4.12 -10.12
CA LEU A 183 -2.14 -3.82 -8.69
C LEU A 183 -2.32 -2.33 -8.43
N LYS A 184 -3.08 -2.01 -7.39
CA LYS A 184 -3.46 -0.63 -7.05
C LYS A 184 -3.28 -0.40 -5.56
N LEU A 185 -2.52 0.64 -5.18
CA LEU A 185 -2.37 1.03 -3.79
C LEU A 185 -3.56 1.74 -3.22
N ILE A 186 -3.92 1.38 -1.98
CA ILE A 186 -4.97 2.08 -1.28
C ILE A 186 -4.54 2.58 0.06
N ASP A 187 -5.39 3.46 0.55
CA ASP A 187 -5.45 3.94 1.91
C ASP A 187 -4.13 4.70 2.31
N PHE A 188 -4.15 5.98 1.93
CA PHE A 188 -3.10 6.97 2.22
C PHE A 188 -3.32 7.73 3.53
N GLY A 189 -4.18 7.23 4.39
CA GLY A 189 -4.54 7.89 5.62
C GLY A 189 -3.44 7.98 6.65
N SER A 190 -2.40 7.16 6.51
CA SER A 190 -1.23 7.20 7.42
C SER A 190 -0.03 7.90 6.73
N GLY A 191 -0.23 8.41 5.52
CA GLY A 191 0.86 8.99 4.74
C GLY A 191 1.26 10.42 5.07
N ALA A 192 2.15 10.95 4.26
CA ALA A 192 2.71 12.28 4.50
C ALA A 192 3.25 12.83 3.21
N LEU A 193 3.46 14.15 3.16
CA LEU A 193 4.28 14.72 2.11
C LEU A 193 5.70 14.12 2.29
N LEU A 194 6.35 13.80 1.18
CA LEU A 194 7.72 13.31 1.19
C LEU A 194 8.66 14.48 1.56
N LYS A 195 9.64 14.20 2.42
CA LYS A 195 10.69 15.14 2.78
C LYS A 195 12.00 14.38 2.97
N ASP A 196 13.11 15.12 3.03
CA ASP A 196 14.43 14.54 3.16
C ASP A 196 14.93 14.53 4.62
N THR A 197 14.19 15.20 5.49
CA THR A 197 14.54 15.29 6.90
C THR A 197 13.85 14.15 7.66
N VAL A 198 14.16 14.04 8.94
CA VAL A 198 13.68 12.90 9.72
C VAL A 198 12.18 12.97 10.02
N TYR A 199 11.51 11.84 9.95
CA TYR A 199 10.15 11.68 10.51
C TYR A 199 10.22 11.14 11.94
N THR A 200 9.45 11.74 12.83
CA THR A 200 9.36 11.30 14.19
C THR A 200 7.91 10.89 14.58
N ASP A 201 6.99 10.85 13.62
CA ASP A 201 5.61 10.39 13.85
C ASP A 201 5.36 9.18 12.95
N PHE A 202 4.44 8.29 13.34
CA PHE A 202 4.08 7.14 12.50
C PHE A 202 2.77 6.51 12.95
N ASP A 203 1.88 6.26 12.00
CA ASP A 203 0.54 5.71 12.24
C ASP A 203 0.28 4.48 11.42
N GLY A 204 1.30 3.96 10.75
CA GLY A 204 1.14 2.82 9.88
C GLY A 204 1.12 1.52 10.66
N THR A 205 1.37 0.42 9.98
CA THR A 205 1.35 -0.89 10.59
C THR A 205 2.69 -1.23 11.18
N ARG A 206 2.71 -1.48 12.48
CA ARG A 206 3.97 -1.72 13.18
C ARG A 206 4.82 -2.89 12.67
N VAL A 207 4.19 -4.00 12.28
CA VAL A 207 4.96 -5.20 11.83
C VAL A 207 5.60 -4.96 10.48
N TYR A 208 5.20 -3.88 9.77
CA TYR A 208 5.91 -3.44 8.54
C TYR A 208 6.84 -2.22 8.78
N SER A 209 6.94 -1.76 10.02
CA SER A 209 7.75 -0.60 10.36
C SER A 209 9.20 -1.01 10.61
N PRO A 210 10.16 -0.13 10.28
CA PRO A 210 11.56 -0.47 10.36
C PRO A 210 12.14 -0.42 11.76
N PRO A 211 13.29 -1.03 11.95
CA PRO A 211 13.84 -1.16 13.27
C PRO A 211 14.24 0.18 13.89
N GLU A 212 14.61 1.17 13.07
CA GLU A 212 14.98 2.50 13.61
C GLU A 212 13.75 3.21 14.19
N TRP A 213 12.57 2.90 13.67
CA TRP A 213 11.32 3.42 14.27
C TRP A 213 11.11 2.72 15.62
N ILE A 214 11.18 1.39 15.61
CA ILE A 214 11.01 0.62 16.85
C ILE A 214 12.00 1.11 17.92
N ARG A 215 13.29 1.25 17.60
CA ARG A 215 14.33 1.61 18.58
C ARG A 215 14.34 3.08 18.95
N TYR A 216 14.15 3.95 17.96
CA TYR A 216 14.41 5.41 18.13
C TYR A 216 13.26 6.36 17.85
N HIS A 217 12.15 5.85 17.33
CA HIS A 217 11.08 6.71 16.89
C HIS A 217 11.59 7.72 15.86
N ARG A 218 12.46 7.26 14.97
CA ARG A 218 13.00 8.09 13.90
C ARG A 218 13.16 7.25 12.64
N TYR A 219 12.82 7.83 11.51
CA TYR A 219 13.08 7.16 10.23
C TYR A 219 13.10 8.18 9.13
N HIS A 220 13.69 7.78 8.02
CA HIS A 220 13.69 8.58 6.83
C HIS A 220 12.79 7.87 5.85
N GLY A 221 12.18 8.65 4.97
CA GLY A 221 11.03 8.17 4.20
C GLY A 221 11.32 7.01 3.26
N ARG A 222 12.32 7.19 2.40
CA ARG A 222 12.61 6.19 1.40
C ARG A 222 13.14 4.92 2.01
N SER A 223 14.06 5.06 2.95
CA SER A 223 14.65 3.90 3.58
C SER A 223 13.60 3.08 4.37
N ALA A 224 12.67 3.76 5.04
CA ALA A 224 11.57 3.08 5.74
C ALA A 224 10.63 2.41 4.73
N ALA A 225 10.42 3.05 3.56
CA ALA A 225 9.57 2.47 2.51
C ALA A 225 10.21 1.17 2.01
N VAL A 226 11.52 1.20 1.78
CA VAL A 226 12.26 0.00 1.33
C VAL A 226 12.16 -1.19 2.31
N TRP A 227 12.26 -0.91 3.60
CA TRP A 227 12.08 -1.94 4.62
C TRP A 227 10.67 -2.56 4.50
N SER A 228 9.64 -1.74 4.41
CA SER A 228 8.28 -2.29 4.31
C SER A 228 8.12 -3.12 3.02
N LEU A 229 8.85 -2.75 1.98
CA LEU A 229 8.87 -3.53 0.71
C LEU A 229 9.58 -4.89 0.88
N GLY A 230 10.64 -4.93 1.68
CA GLY A 230 11.25 -6.22 2.03
C GLY A 230 10.27 -7.13 2.79
N ILE A 231 9.52 -6.55 3.76
CA ILE A 231 8.50 -7.29 4.53
C ILE A 231 7.45 -7.87 3.57
N LEU A 232 6.96 -6.99 2.69
CA LEU A 232 6.01 -7.38 1.64
C LEU A 232 6.52 -8.49 0.70
N LEU A 233 7.75 -8.39 0.24
CA LEU A 233 8.26 -9.39 -0.69
C LEU A 233 8.38 -10.76 0.04
N TYR A 234 8.87 -10.76 1.28
CA TYR A 234 8.96 -11.96 2.08
C TYR A 234 7.55 -12.54 2.21
N ASP A 235 6.59 -11.69 2.55
CA ASP A 235 5.16 -12.08 2.66
C ASP A 235 4.67 -12.79 1.43
N MET A 236 4.98 -12.24 0.26
CA MET A 236 4.63 -12.87 -1.01
C MET A 236 5.26 -14.23 -1.26
N VAL A 237 6.56 -14.38 -1.08
CA VAL A 237 7.19 -15.66 -1.40
C VAL A 237 7.13 -16.70 -0.28
N CYS A 238 6.80 -16.29 0.95
CA CYS A 238 6.69 -17.23 2.11
C CYS A 238 5.27 -17.46 2.62
N GLY A 239 4.35 -16.58 2.25
CA GLY A 239 2.94 -16.73 2.63
C GLY A 239 2.55 -16.01 3.89
N ASP A 240 3.50 -15.39 4.57
CA ASP A 240 3.18 -14.50 5.71
C ASP A 240 4.38 -13.63 5.99
N ILE A 241 4.19 -12.55 6.74
CA ILE A 241 5.30 -11.66 7.07
C ILE A 241 6.33 -12.37 7.99
N PRO A 242 7.59 -11.90 7.98
CA PRO A 242 8.61 -12.61 8.72
C PRO A 242 8.59 -12.34 10.22
N PHE A 243 8.11 -11.16 10.61
CA PHE A 243 8.23 -10.70 12.01
C PHE A 243 6.87 -10.33 12.56
N GLU A 244 6.65 -10.69 13.82
CA GLU A 244 5.49 -10.20 14.58
C GLU A 244 5.89 -9.36 15.79
N HIS A 245 7.04 -9.64 16.41
CA HIS A 245 7.39 -8.97 17.65
C HIS A 245 8.54 -7.99 17.45
N ASP A 246 8.53 -6.96 18.28
CA ASP A 246 9.53 -5.91 18.22
C ASP A 246 10.95 -6.48 18.22
N GLU A 247 11.22 -7.43 19.11
CA GLU A 247 12.56 -8.06 19.17
C GLU A 247 12.95 -8.75 17.88
N GLU A 248 11.99 -9.32 17.16
CA GLU A 248 12.30 -9.92 15.84
C GLU A 248 12.61 -8.80 14.85
N ILE A 249 11.80 -7.73 14.86
CA ILE A 249 12.05 -6.56 13.96
C ILE A 249 13.48 -6.01 14.13
N ILE A 250 13.91 -5.83 15.38
CA ILE A 250 15.25 -5.25 15.61
C ILE A 250 16.38 -6.29 15.53
N GLY A 251 16.05 -7.58 15.60
CA GLY A 251 17.05 -8.65 15.42
C GLY A 251 17.55 -8.73 13.97
N GLY A 252 16.70 -8.43 13.02
CA GLY A 252 17.07 -8.57 11.58
C GLY A 252 17.76 -9.90 11.27
N GLN A 253 17.12 -10.99 11.68
CA GLN A 253 17.47 -12.33 11.25
C GLN A 253 16.30 -12.75 10.41
N VAL A 254 16.55 -13.07 9.16
CA VAL A 254 15.48 -13.45 8.25
C VAL A 254 15.61 -14.97 8.09
N PHE A 255 14.69 -15.70 8.70
CA PHE A 255 14.52 -17.14 8.50
C PHE A 255 13.52 -17.32 7.36
N PHE A 256 13.87 -18.16 6.40
CA PHE A 256 13.01 -18.53 5.29
C PHE A 256 12.22 -19.79 5.56
N ARG A 257 10.92 -19.64 5.64
CA ARG A 257 10.01 -20.77 6.00
C ARG A 257 9.53 -21.56 4.77
N GLN A 258 9.78 -21.05 3.56
CA GLN A 258 9.48 -21.71 2.27
C GLN A 258 10.75 -21.70 1.42
N ARG A 259 10.79 -22.56 0.44
CA ARG A 259 11.83 -22.59 -0.53
C ARG A 259 11.76 -21.28 -1.31
N VAL A 260 12.81 -20.48 -1.20
CA VAL A 260 12.99 -19.24 -1.95
C VAL A 260 14.37 -19.23 -2.61
N SER A 261 14.44 -18.79 -3.88
CA SER A 261 15.69 -18.77 -4.62
C SER A 261 16.71 -17.89 -3.89
N SER A 262 17.98 -18.21 -4.09
CA SER A 262 19.07 -17.44 -3.50
C SER A 262 19.03 -15.97 -3.91
N GLU A 263 18.62 -15.68 -5.13
CA GLU A 263 18.59 -14.30 -5.62
C GLU A 263 17.47 -13.54 -4.94
N CYS A 264 16.30 -14.15 -4.84
CA CYS A 264 15.20 -13.54 -4.08
C CYS A 264 15.52 -13.33 -2.58
N GLN A 265 16.12 -14.34 -1.91
CA GLN A 265 16.55 -14.18 -0.52
C GLN A 265 17.52 -13.00 -0.36
N HIS A 266 18.43 -12.85 -1.32
CA HIS A 266 19.40 -11.78 -1.29
C HIS A 266 18.71 -10.44 -1.32
N LEU A 267 17.76 -10.27 -2.24
CA LEU A 267 17.03 -9.02 -2.34
C LEU A 267 16.26 -8.70 -1.08
N ILE A 268 15.58 -9.70 -0.55
CA ILE A 268 14.80 -9.49 0.66
C ILE A 268 15.72 -9.05 1.80
N ARG A 269 16.78 -9.81 2.02
CA ARG A 269 17.71 -9.49 3.08
C ARG A 269 18.35 -8.07 2.91
N TRP A 270 18.53 -7.62 1.67
CA TRP A 270 19.10 -6.28 1.38
C TRP A 270 18.09 -5.19 1.81
N CYS A 271 16.85 -5.37 1.40
CA CYS A 271 15.72 -4.51 1.83
C CYS A 271 15.56 -4.47 3.33
N LEU A 272 15.84 -5.60 3.97
CA LEU A 272 15.74 -5.71 5.43
C LEU A 272 17.06 -5.50 6.15
N ALA A 273 18.01 -4.79 5.52
CA ALA A 273 19.22 -4.39 6.24
C ALA A 273 18.84 -3.57 7.47
N LEU A 274 19.44 -3.91 8.61
CA LEU A 274 19.15 -3.23 9.87
C LEU A 274 19.52 -1.72 9.74
N ARG A 275 20.65 -1.40 9.11
CA ARG A 275 21.04 0.01 8.98
C ARG A 275 20.36 0.57 7.75
N PRO A 276 19.59 1.66 7.89
CA PRO A 276 18.85 2.21 6.75
C PRO A 276 19.73 2.49 5.57
N SER A 277 20.92 3.04 5.80
CA SER A 277 21.81 3.37 4.68
C SER A 277 22.37 2.12 3.98
N ASP A 278 22.19 0.92 4.54
CA ASP A 278 22.60 -0.29 3.84
C ASP A 278 21.48 -0.86 2.94
N ARG A 279 20.29 -0.26 2.96
CA ARG A 279 19.17 -0.76 2.12
C ARG A 279 19.34 -0.26 0.67
N PRO A 280 18.82 -1.03 -0.30
CA PRO A 280 18.89 -0.61 -1.67
C PRO A 280 18.00 0.58 -1.91
N THR A 281 18.39 1.42 -2.86
CA THR A 281 17.50 2.42 -3.45
C THR A 281 16.43 1.73 -4.34
N PHE A 282 15.36 2.46 -4.71
CA PHE A 282 14.38 1.86 -5.62
C PHE A 282 15.03 1.41 -6.91
N GLU A 283 16.00 2.17 -7.40
CA GLU A 283 16.70 1.84 -8.62
C GLU A 283 17.45 0.53 -8.47
N GLU A 284 18.11 0.36 -7.34
CA GLU A 284 18.87 -0.84 -7.09
C GLU A 284 17.97 -2.07 -6.97
N ILE A 285 16.79 -1.90 -6.37
CA ILE A 285 15.79 -2.98 -6.27
C ILE A 285 15.39 -3.40 -7.72
N GLN A 286 14.98 -2.43 -8.52
CA GLN A 286 14.55 -2.73 -9.90
C GLN A 286 15.64 -3.23 -10.84
N ASN A 287 16.91 -2.95 -10.53
CA ASN A 287 18.03 -3.46 -11.31
C ASN A 287 18.52 -4.80 -10.75
N HIS A 288 17.96 -5.25 -9.62
CA HIS A 288 18.39 -6.52 -9.02
C HIS A 288 18.20 -7.68 -9.98
N PRO A 289 19.12 -8.65 -10.01
CA PRO A 289 18.93 -9.75 -10.95
C PRO A 289 17.60 -10.49 -10.76
N TRP A 290 17.12 -10.65 -9.53
CA TRP A 290 15.83 -11.33 -9.33
C TRP A 290 14.68 -10.61 -10.02
N MET A 291 14.81 -9.31 -10.24
CA MET A 291 13.73 -8.52 -10.82
C MET A 291 13.67 -8.48 -12.31
N GLN A 292 14.61 -9.13 -13.00
CA GLN A 292 14.64 -9.02 -14.47
C GLN A 292 13.58 -9.92 -15.14
N ASP A 293 13.23 -9.58 -16.38
CA ASP A 293 12.22 -10.28 -17.17
C ASP A 293 10.82 -10.36 -16.53
N VAL A 294 10.35 -9.25 -15.98
CA VAL A 294 9.02 -9.22 -15.37
C VAL A 294 7.90 -9.52 -16.40
N LEU A 295 6.84 -10.18 -15.96
CA LEU A 295 5.64 -10.34 -16.83
C LEU A 295 4.92 -8.99 -16.97
N LEU A 296 4.34 -8.75 -18.13
CA LEU A 296 3.35 -7.70 -18.31
C LEU A 296 2.09 -7.98 -17.45
N PRO A 297 1.34 -6.93 -17.07
CA PRO A 297 0.09 -7.13 -16.33
C PRO A 297 -0.88 -8.16 -16.99
N GLN A 298 -1.12 -8.00 -18.28
CA GLN A 298 -1.96 -8.95 -19.03
C GLN A 298 -1.50 -10.43 -19.03
N GLU A 299 -0.20 -10.67 -19.13
CA GLU A 299 0.38 -12.02 -19.06
C GLU A 299 0.21 -12.58 -17.64
N THR A 300 0.37 -11.69 -16.68
CA THR A 300 0.20 -12.05 -15.29
C THR A 300 -1.25 -12.54 -15.06
N ALA A 301 -2.23 -11.79 -15.56
CA ALA A 301 -3.63 -12.18 -15.39
C ALA A 301 -3.88 -13.51 -16.12
N GLU A 302 -3.42 -13.65 -17.35
CA GLU A 302 -3.69 -14.87 -18.13
C GLU A 302 -3.08 -16.10 -17.50
N ILE A 303 -1.83 -15.99 -17.04
CA ILE A 303 -1.08 -17.14 -16.53
C ILE A 303 -1.48 -17.49 -15.10
N HIS A 304 -1.75 -16.48 -14.28
CA HIS A 304 -1.84 -16.66 -12.84
C HIS A 304 -3.19 -16.36 -12.20
N LEU A 305 -4.02 -15.53 -12.84
CA LEU A 305 -5.23 -15.02 -12.20
C LEU A 305 -6.51 -15.56 -12.87
N HIS A 306 -6.48 -15.75 -14.19
CA HIS A 306 -7.67 -16.22 -14.91
C HIS A 306 -7.79 -17.72 -14.71
N ARG B 2 -0.09 -22.57 11.06
CA ARG B 2 0.35 -21.36 11.85
C ARG B 2 -0.53 -20.14 11.55
N LYS B 3 -0.80 -19.27 12.55
CA LYS B 3 -1.82 -18.22 12.37
C LYS B 3 -1.33 -16.96 11.61
N ARG B 4 -1.97 -16.66 10.50
CA ARG B 4 -1.76 -15.44 9.74
C ARG B 4 -2.90 -14.51 10.09
N ARG B 5 -2.57 -13.26 10.36
CA ARG B 5 -3.60 -12.28 10.67
C ARG B 5 -3.25 -10.93 10.07
N ARG B 6 -4.29 -10.13 9.94
CA ARG B 6 -4.22 -8.75 9.58
C ARG B 6 -3.68 -7.97 10.75
N HIS B 7 -3.15 -6.79 10.46
CA HIS B 7 -2.62 -5.92 11.50
C HIS B 7 -3.05 -4.47 11.27
N PRO B 8 -3.88 -3.94 12.16
CA PRO B 8 -4.46 -2.60 12.02
C PRO B 8 -3.43 -1.47 11.99
N SER B 9 -3.80 -0.38 11.34
CA SER B 9 -3.13 0.94 11.37
C SER B 9 -4.16 2.07 11.59
N GLY B 10 -3.72 3.34 11.46
CA GLY B 10 -4.60 4.50 11.59
C GLY B 10 -4.65 5.06 13.00
CAA 3RA C . -9.85 -1.44 3.29
CAA 3RA C . -11.60 -0.79 -1.32
CAB 3RA C . -10.30 -2.63 3.81
CAB 3RA C . -11.87 -2.13 -1.55
CAC 3RA C . -11.53 -3.18 3.41
CAC 3RA C . -12.14 -2.58 -2.83
CAD 3RA C . -12.31 -2.52 2.47
CAD 3RA C . -12.21 -1.67 -3.88
CAE 3RA C . -11.86 -1.31 1.93
CAE 3RA C . -11.94 -0.33 -3.66
CAF 3RA C . -10.62 -0.78 2.32
CAF 3RA C . -11.64 0.11 -2.37
NAG 3RA C . -10.15 0.39 1.86
NAG 3RA C . -11.39 1.40 -2.13
CAH 3RA C . -10.25 0.85 0.62
CAH 3RA C . -10.82 1.79 -0.98
NAI 3RA C . -10.87 0.30 -0.45
NAI 3RA C . -10.75 1.10 0.16
CAJ 3RA C . -10.69 1.12 -1.51
CAJ 3RA C . -10.09 1.84 1.06
CAK 3RA C . -9.96 2.20 -1.03
CAK 3RA C . -9.76 3.02 0.42
NAL 3RA C . -9.71 2.02 0.28
NAL 3RA C . -10.21 2.96 -0.84
OAM 3RA C . -9.57 3.17 -1.69
OAM 3RA C . -9.14 3.95 0.93
CAN 3RA C . -11.08 1.06 -2.85
CAN 3RA C . -9.73 1.65 2.39
CAO 3RA C . -11.61 -0.12 -3.36
CAO 3RA C . -9.93 0.41 2.97
CAP 3RA C . -12.15 -1.09 -2.50
CAP 3RA C . -11.12 -0.32 2.78
CAQ 3RA C . -12.64 -2.27 -3.01
CAQ 3RA C . -11.31 -1.57 3.36
CAR 3RA C . -12.64 -2.49 -4.39
CAR 3RA C . -10.31 -2.11 4.15
CAS 3RA C . -12.11 -1.51 -5.23
CAS 3RA C . -9.14 -1.39 4.35
CAT 3RA C . -11.59 -0.33 -4.73
CAT 3RA C . -8.95 -0.15 3.77
OAU 3RA C . -13.23 -3.35 -2.39
OAU 3RA C . -12.36 -2.45 3.32
CAV 3RA C . -13.39 -4.35 -3.38
CAV 3RA C . -11.79 -3.70 3.75
OAW 3RA C . -13.21 -3.69 -4.66
OAW 3RA C . -10.72 -3.34 4.62
C1 EDO D . -15.66 19.37 -3.12
O1 EDO D . -16.89 18.65 -3.05
C2 EDO D . -15.48 19.77 -4.58
O2 EDO D . -14.66 18.80 -5.23
#